data_5WM4
#
_entry.id   5WM4
#
_cell.length_a   122.188
_cell.length_b   122.188
_cell.length_c   88.174
_cell.angle_alpha   90.000
_cell.angle_beta   90.000
_cell.angle_gamma   120.000
#
_symmetry.space_group_name_H-M   'P 32 2 1'
#
loop_
_entity.id
_entity.type
_entity.pdbx_description
1 polymer 'Salicylate-AMP ligase'
2 non-polymer 9-(5-O-{(S)-hydroxy[(2-hydroxy-6-methylbenzene-1-carbonyl)oxy]phosphoryl}-alpha-L-lyxofuranosyl)-9H-purin-6-amine
3 non-polymer 'MAGNESIUM ION'
4 non-polymer 'ACETATE ION'
5 non-polymer GLYCEROL
6 water water
#
_entity_poly.entity_id   1
_entity_poly.type   'polypeptide(L)'
_entity_poly.pdbx_seq_one_letter_code
;MGSSHHHHHHSSGLVPRGSHMLDGWVPWPESFARRYRAAGYWEGRPLDRLLRERAAADPDRIALVDAAGDRWTYAELDRH
ADRQAAGLRRLGIGAGDRVVVQLPNTDAFVVLFFALLRAGAVPVLTLPAHRESEIVHVAETAGATAYVIPDVLDGFDHRA
LARAARKAVPSIEHVLVAGEAAEFTALADVDAAPVPLAEPDPGDVALLLLSGGTTGKPKLIPRTHDDYTYNVRASAEVCG
FDSDTVYLVVLPTAHNFALACPGLLGTLMVGGTVVLAPTPSPEDAFELIEREKVTATAVVPPVALLWLDAVEWEDADLSS
LRLLQVGGSKLGAEPAARVRPALGCTLQQVFGMAEGLLNYTRLDDPSDLVIQTQGRPLSPDDEIRVVDEDGRDVAPGETG
ELLTRGPYTLRGYYRAPEHNARTFSDDGFYRTGDLVRVLPSGHLVVEGRAKDQINRGGDKISAEELENHIMAHPGVHDAA
VVGMPDATMGERTCACLVPRAGRSAPAQRELAAFLTDRGVAAYKLPDRVEVMDAFPRTSVGKTDKKELGRRIAGQLRTED
GGVH
;
_entity_poly.pdbx_strand_id   A
#
loop_
_chem_comp.id
_chem_comp.type
_chem_comp.name
_chem_comp.formula
ACT non-polymer 'ACETATE ION' 'C2 H3 O2 -1'
B5M non-polymer 9-(5-O-{(S)-hydroxy[(2-hydroxy-6-methylbenzene-1-carbonyl)oxy]phosphoryl}-alpha-L-lyxofuranosyl)-9H-purin-6-amine 'C18 H20 N5 O9 P'
GOL non-polymer GLYCEROL 'C3 H8 O3'
MG non-polymer 'MAGNESIUM ION' 'Mg 2'
#
# COMPACT_ATOMS: atom_id res chain seq x y z
N SER A 19 3.28 28.44 -1.78
CA SER A 19 2.30 28.07 -2.80
C SER A 19 2.51 26.65 -3.31
N HIS A 20 1.44 25.87 -3.34
CA HIS A 20 1.48 24.47 -3.74
C HIS A 20 0.46 24.20 -4.84
N MET A 21 0.74 23.18 -5.65
CA MET A 21 -0.10 22.89 -6.81
C MET A 21 -1.49 22.42 -6.39
N LEU A 22 -1.60 21.63 -5.33
CA LEU A 22 -2.88 21.12 -4.85
C LEU A 22 -3.26 21.74 -3.51
N ASP A 23 -4.57 21.88 -3.29
CA ASP A 23 -5.03 22.17 -1.96
C ASP A 23 -5.53 20.87 -1.31
N GLY A 24 -5.96 20.98 -0.06
CA GLY A 24 -6.48 19.84 0.66
C GLY A 24 -5.47 19.00 1.41
N TRP A 25 -4.20 19.40 1.46
CA TRP A 25 -3.22 18.68 2.25
C TRP A 25 -2.49 19.63 3.19
N VAL A 26 -1.69 19.07 4.07
CA VAL A 26 -1.11 19.77 5.20
C VAL A 26 0.40 19.72 5.08
N PRO A 27 1.03 20.79 4.59
CA PRO A 27 2.50 20.79 4.50
C PRO A 27 3.16 20.73 5.86
N TRP A 28 4.44 20.36 5.85
CA TRP A 28 5.24 20.41 7.05
C TRP A 28 5.45 21.85 7.49
N PRO A 29 5.52 22.13 8.80
CA PRO A 29 5.96 23.46 9.24
C PRO A 29 7.36 23.77 8.72
N GLU A 30 7.58 25.05 8.44
CA GLU A 30 8.82 25.47 7.79
C GLU A 30 10.05 25.04 8.57
N SER A 31 9.98 25.06 9.90
CA SER A 31 11.16 24.68 10.69
C SER A 31 11.54 23.22 10.47
N PHE A 32 10.55 22.35 10.27
CA PHE A 32 10.82 20.94 9.97
C PHE A 32 11.34 20.77 8.55
N ALA A 33 10.75 21.46 7.59
CA ALA A 33 11.23 21.39 6.21
C ALA A 33 12.69 21.80 6.11
N ARG A 34 13.03 22.93 6.73
CA ARG A 34 14.40 23.41 6.81
C ARG A 34 15.36 22.34 7.33
N ARG A 35 14.98 21.68 8.42
CA ARG A 35 15.85 20.69 9.03
C ARG A 35 16.00 19.46 8.16
N TYR A 36 14.95 19.07 7.45
CA TYR A 36 15.01 17.89 6.60
C TYR A 36 15.82 18.16 5.34
N ARG A 37 15.77 19.39 4.82
CA ARG A 37 16.63 19.74 3.70
C ARG A 37 18.09 19.85 4.13
N ALA A 38 18.34 20.47 5.29
CA ALA A 38 19.70 20.60 5.78
C ALA A 38 20.31 19.25 6.12
N ALA A 39 19.50 18.31 6.60
CA ALA A 39 19.98 16.96 6.91
C ALA A 39 20.24 16.11 5.68
N GLY A 40 19.87 16.57 4.50
CA GLY A 40 20.08 15.81 3.29
C GLY A 40 18.98 14.82 2.97
N TYR A 41 17.90 14.80 3.76
CA TYR A 41 16.77 13.93 3.47
C TYR A 41 16.02 14.40 2.23
N TRP A 42 15.69 15.68 2.17
CA TRP A 42 14.92 16.27 1.07
C TRP A 42 15.90 16.90 0.08
N GLU A 43 16.10 16.22 -1.04
CA GLU A 43 17.15 16.60 -1.99
C GLU A 43 16.69 17.54 -3.08
N GLY A 44 15.40 17.85 -3.16
CA GLY A 44 14.93 18.82 -4.14
C GLY A 44 14.76 18.28 -5.54
N ARG A 45 14.52 16.99 -5.70
CA ARG A 45 14.38 16.40 -7.01
C ARG A 45 13.01 15.76 -7.20
N PRO A 46 12.36 15.99 -8.35
CA PRO A 46 11.12 15.27 -8.63
C PRO A 46 11.33 13.76 -8.62
N LEU A 47 10.27 13.04 -8.25
CA LEU A 47 10.37 11.60 -8.11
C LEU A 47 10.80 10.92 -9.40
N ASP A 48 10.36 11.43 -10.55
CA ASP A 48 10.69 10.82 -11.84
C ASP A 48 12.17 10.93 -12.18
N ARG A 49 12.88 11.85 -11.52
CA ARG A 49 14.30 12.01 -11.77
C ARG A 49 15.11 10.77 -11.41
N LEU A 50 14.60 9.90 -10.52
CA LEU A 50 15.34 8.69 -10.18
C LEU A 50 15.52 7.80 -11.41
N LEU A 51 14.52 7.77 -12.30
CA LEU A 51 14.63 7.03 -13.54
C LEU A 51 15.48 7.78 -14.55
N ARG A 52 15.28 9.10 -14.66
CA ARG A 52 16.07 9.92 -15.57
C ARG A 52 17.57 9.80 -15.29
N GLU A 53 17.95 9.89 -14.01
CA GLU A 53 19.37 9.83 -13.65
C GLU A 53 19.96 8.45 -13.86
N ARG A 54 19.21 7.39 -13.53
CA ARG A 54 19.74 6.04 -13.74
C ARG A 54 19.86 5.70 -15.22
N ALA A 55 18.88 6.09 -16.02
CA ALA A 55 18.99 5.86 -17.46
C ALA A 55 20.12 6.67 -18.07
N ALA A 56 20.51 7.78 -17.46
CA ALA A 56 21.63 8.56 -17.97
C ALA A 56 22.95 7.90 -17.64
N ALA A 57 23.07 7.29 -16.46
CA ALA A 57 24.30 6.64 -16.05
C ALA A 57 24.41 5.22 -16.59
N ASP A 58 23.28 4.51 -16.70
CA ASP A 58 23.26 3.08 -17.03
C ASP A 58 22.17 2.79 -18.05
N PRO A 59 22.24 3.39 -19.24
CA PRO A 59 21.12 3.28 -20.19
C PRO A 59 20.87 1.87 -20.66
N ASP A 60 21.89 1.04 -20.74
CA ASP A 60 21.78 -0.29 -21.32
C ASP A 60 21.64 -1.39 -20.28
N ARG A 61 21.58 -1.07 -18.99
CA ARG A 61 21.23 -2.08 -18.01
C ARG A 61 19.76 -2.46 -18.12
N ILE A 62 19.45 -3.69 -17.73
CA ILE A 62 18.09 -4.22 -17.78
C ILE A 62 17.31 -3.71 -16.58
N ALA A 63 16.34 -2.84 -16.82
CA ALA A 63 15.58 -2.21 -15.75
C ALA A 63 14.38 -3.05 -15.31
N LEU A 64 13.69 -3.69 -16.24
CA LEU A 64 12.39 -4.25 -15.98
C LEU A 64 12.24 -5.53 -16.79
N VAL A 65 11.67 -6.55 -16.16
CA VAL A 65 11.35 -7.83 -16.78
C VAL A 65 9.92 -8.17 -16.36
N ASP A 66 9.08 -8.56 -17.31
CA ASP A 66 7.72 -8.94 -16.96
C ASP A 66 7.59 -10.46 -16.82
N ALA A 67 6.40 -10.91 -16.43
CA ALA A 67 6.20 -12.32 -16.14
C ALA A 67 6.42 -13.19 -17.37
N ALA A 68 6.12 -12.67 -18.56
CA ALA A 68 6.35 -13.42 -19.79
C ALA A 68 7.84 -13.62 -20.07
N GLY A 69 8.67 -12.70 -19.59
CA GLY A 69 10.07 -12.72 -19.91
C GLY A 69 10.53 -11.66 -20.89
N ASP A 70 9.65 -10.74 -21.29
CA ASP A 70 10.11 -9.57 -22.03
C ASP A 70 10.82 -8.61 -21.08
N ARG A 71 11.80 -7.88 -21.59
CA ARG A 71 12.57 -7.00 -20.74
C ARG A 71 12.91 -5.71 -21.48
N TRP A 72 13.25 -4.69 -20.68
CA TRP A 72 13.50 -3.34 -21.15
C TRP A 72 14.72 -2.78 -20.45
N THR A 73 15.53 -2.03 -21.17
CA THR A 73 16.64 -1.32 -20.57
C THR A 73 16.17 -0.03 -19.89
N TYR A 74 17.07 0.60 -19.14
CA TYR A 74 16.75 1.88 -18.52
C TYR A 74 16.51 2.95 -19.59
N ALA A 75 17.29 2.94 -20.68
CA ALA A 75 17.07 3.89 -21.76
C ALA A 75 15.71 3.67 -22.41
N GLU A 76 15.34 2.40 -22.64
CA GLU A 76 14.05 2.11 -23.24
C GLU A 76 12.90 2.52 -22.34
N LEU A 77 12.99 2.22 -21.05
CA LEU A 77 11.97 2.62 -20.10
C LEU A 77 11.86 4.14 -19.98
N ASP A 78 13.00 4.83 -19.93
CA ASP A 78 13.00 6.29 -19.84
C ASP A 78 12.39 6.93 -21.08
N ARG A 79 12.73 6.42 -22.25
CA ARG A 79 12.19 6.94 -23.49
C ARG A 79 10.67 6.72 -23.56
N HIS A 80 10.22 5.55 -23.17
CA HIS A 80 8.81 5.23 -23.28
C HIS A 80 7.98 6.09 -22.34
N ALA A 81 8.48 6.32 -21.12
CA ALA A 81 7.80 7.21 -20.19
C ALA A 81 7.64 8.60 -20.80
N ASP A 82 8.64 9.07 -21.56
CA ASP A 82 8.56 10.37 -22.21
C ASP A 82 7.49 10.39 -23.30
N ARG A 83 7.40 9.33 -24.09
CA ARG A 83 6.40 9.30 -25.16
C ARG A 83 4.99 9.23 -24.59
N GLN A 84 4.79 8.41 -23.56
CA GLN A 84 3.47 8.32 -22.96
C GLN A 84 3.13 9.59 -22.18
N ALA A 85 4.13 10.25 -21.60
CA ALA A 85 3.88 11.54 -20.99
C ALA A 85 3.37 12.54 -22.01
N ALA A 86 4.00 12.58 -23.18
CA ALA A 86 3.54 13.48 -24.24
C ALA A 86 2.16 13.10 -24.75
N GLY A 87 1.85 11.81 -24.78
CA GLY A 87 0.52 11.39 -25.19
C GLY A 87 -0.54 11.78 -24.20
N LEU A 88 -0.23 11.65 -22.90
CA LEU A 88 -1.13 12.11 -21.84
C LEU A 88 -1.45 13.58 -22.00
N ARG A 89 -0.44 14.39 -22.30
CA ARG A 89 -0.68 15.82 -22.47
C ARG A 89 -1.60 16.09 -23.65
N ARG A 90 -1.48 15.29 -24.71
CA ARG A 90 -2.38 15.41 -25.86
C ARG A 90 -3.83 15.21 -25.45
N LEU A 91 -4.09 14.34 -24.48
CA LEU A 91 -5.44 14.14 -24.00
C LEU A 91 -5.86 15.17 -22.96
N GLY A 92 -5.00 16.12 -22.63
CA GLY A 92 -5.32 17.09 -21.62
C GLY A 92 -5.06 16.65 -20.21
N ILE A 93 -4.33 15.57 -20.01
CA ILE A 93 -3.99 15.08 -18.68
C ILE A 93 -2.62 15.65 -18.33
N GLY A 94 -2.57 16.46 -17.29
CA GLY A 94 -1.32 17.13 -17.01
C GLY A 94 -1.26 17.82 -15.68
N ALA A 95 -0.50 18.92 -15.61
CA ALA A 95 -0.12 19.58 -14.38
C ALA A 95 -1.23 19.64 -13.33
N GLY A 96 -1.12 18.77 -12.32
CA GLY A 96 -1.97 18.79 -11.17
C GLY A 96 -3.15 17.84 -11.21
N ASP A 97 -3.52 17.35 -12.39
CA ASP A 97 -4.67 16.47 -12.51
C ASP A 97 -4.44 15.18 -11.74
N ARG A 98 -5.45 14.76 -10.97
CA ARG A 98 -5.38 13.49 -10.27
C ARG A 98 -5.91 12.39 -11.18
N VAL A 99 -5.19 11.28 -11.25
CA VAL A 99 -5.47 10.18 -12.15
C VAL A 99 -5.50 8.90 -11.33
N VAL A 100 -6.68 8.27 -11.25
CA VAL A 100 -6.82 7.00 -10.54
C VAL A 100 -6.21 5.89 -11.38
N VAL A 101 -5.31 5.13 -10.78
CA VAL A 101 -4.59 4.05 -11.47
C VAL A 101 -4.96 2.74 -10.81
N GLN A 102 -5.42 1.78 -11.62
CA GLN A 102 -5.77 0.44 -11.14
C GLN A 102 -5.24 -0.56 -12.15
N LEU A 103 -4.03 -1.05 -11.94
CA LEU A 103 -3.39 -1.89 -12.93
C LEU A 103 -2.78 -3.13 -12.28
N PRO A 104 -2.63 -4.21 -13.03
CA PRO A 104 -1.92 -5.39 -12.52
C PRO A 104 -0.41 -5.16 -12.56
N ASN A 105 0.32 -6.21 -12.15
CA ASN A 105 1.78 -6.20 -12.12
C ASN A 105 2.33 -6.49 -13.52
N THR A 106 2.19 -5.50 -14.39
CA THR A 106 2.68 -5.56 -15.76
C THR A 106 3.53 -4.33 -16.03
N ASP A 107 4.26 -4.36 -17.15
CA ASP A 107 5.11 -3.23 -17.49
C ASP A 107 4.31 -1.97 -17.76
N ALA A 108 3.04 -2.10 -18.10
CA ALA A 108 2.19 -0.93 -18.33
C ALA A 108 2.14 -0.02 -17.11
N PHE A 109 2.05 -0.59 -15.91
CA PHE A 109 2.03 0.24 -14.71
C PHE A 109 3.30 1.06 -14.58
N VAL A 110 4.45 0.43 -14.77
CA VAL A 110 5.72 1.12 -14.52
C VAL A 110 5.89 2.30 -15.46
N VAL A 111 5.65 2.08 -16.76
CA VAL A 111 5.74 3.15 -17.74
C VAL A 111 4.76 4.25 -17.40
N LEU A 112 3.51 3.89 -17.13
CA LEU A 112 2.48 4.90 -16.89
C LEU A 112 2.76 5.69 -15.61
N PHE A 113 3.30 5.04 -14.59
CA PHE A 113 3.64 5.75 -13.35
C PHE A 113 4.57 6.92 -13.63
N PHE A 114 5.67 6.66 -14.33
CA PHE A 114 6.62 7.72 -14.61
C PHE A 114 6.08 8.71 -15.65
N ALA A 115 5.26 8.23 -16.59
CA ALA A 115 4.68 9.12 -17.58
C ALA A 115 3.71 10.10 -16.94
N LEU A 116 2.89 9.63 -16.01
CA LEU A 116 2.02 10.53 -15.26
C LEU A 116 2.82 11.58 -14.49
N LEU A 117 3.89 11.16 -13.83
CA LEU A 117 4.74 12.10 -13.10
C LEU A 117 5.30 13.17 -14.02
N ARG A 118 5.87 12.76 -15.15
CA ARG A 118 6.50 13.72 -16.03
C ARG A 118 5.49 14.64 -16.69
N ALA A 119 4.25 14.19 -16.85
CA ALA A 119 3.20 15.07 -17.32
C ALA A 119 2.72 16.04 -16.26
N GLY A 120 3.15 15.88 -15.01
CA GLY A 120 2.68 16.68 -13.91
C GLY A 120 1.40 16.18 -13.29
N ALA A 121 0.89 15.04 -13.72
CA ALA A 121 -0.29 14.48 -13.10
C ALA A 121 0.08 13.82 -11.78
N VAL A 122 -0.93 13.64 -10.94
CA VAL A 122 -0.76 13.09 -9.60
C VAL A 122 -1.41 11.72 -9.61
N PRO A 123 -0.63 10.64 -9.67
CA PRO A 123 -1.22 9.29 -9.61
C PRO A 123 -1.93 9.04 -8.28
N VAL A 124 -3.12 8.48 -8.36
CA VAL A 124 -3.89 8.02 -7.21
C VAL A 124 -3.95 6.51 -7.30
N LEU A 125 -3.20 5.82 -6.44
CA LEU A 125 -2.91 4.41 -6.65
C LEU A 125 -3.93 3.52 -5.92
N THR A 126 -4.69 2.75 -6.69
CA THR A 126 -5.64 1.80 -6.12
C THR A 126 -5.22 0.38 -6.47
N LEU A 127 -5.85 -0.54 -5.85
CA LEU A 127 -5.50 -1.93 -6.00
C LEU A 127 -6.44 -2.62 -6.99
N PRO A 128 -5.94 -3.61 -7.72
CA PRO A 128 -6.81 -4.39 -8.61
C PRO A 128 -8.07 -4.93 -7.96
N ALA A 129 -8.05 -5.21 -6.65
CA ALA A 129 -9.18 -5.80 -5.96
C ALA A 129 -10.26 -4.77 -5.62
N HIS A 130 -9.95 -3.49 -5.68
CA HIS A 130 -10.93 -2.48 -5.34
C HIS A 130 -12.06 -2.43 -6.37
N ARG A 131 -13.25 -2.12 -5.89
CA ARG A 131 -14.44 -2.14 -6.69
C ARG A 131 -15.11 -0.78 -6.61
N GLU A 132 -16.39 -0.70 -7.01
CA GLU A 132 -17.02 0.59 -7.25
C GLU A 132 -17.02 1.49 -6.01
N SER A 133 -17.24 0.92 -4.83
CA SER A 133 -17.32 1.75 -3.62
CA SER A 133 -17.32 1.75 -3.62
C SER A 133 -16.01 2.49 -3.39
N GLU A 134 -14.89 1.76 -3.41
CA GLU A 134 -13.61 2.42 -3.17
C GLU A 134 -13.24 3.35 -4.33
N ILE A 135 -13.43 2.88 -5.57
CA ILE A 135 -13.01 3.66 -6.74
C ILE A 135 -13.79 4.96 -6.82
N VAL A 136 -15.11 4.90 -6.60
CA VAL A 136 -15.90 6.11 -6.68
C VAL A 136 -15.52 7.08 -5.56
N HIS A 137 -15.24 6.57 -4.37
CA HIS A 137 -14.87 7.47 -3.28
C HIS A 137 -13.54 8.17 -3.54
N VAL A 138 -12.52 7.45 -3.98
CA VAL A 138 -11.24 8.11 -4.17
C VAL A 138 -11.26 9.01 -5.41
N ALA A 139 -11.99 8.62 -6.46
CA ALA A 139 -12.10 9.48 -7.62
C ALA A 139 -12.86 10.75 -7.28
N GLU A 140 -13.94 10.61 -6.49
CA GLU A 140 -14.69 11.75 -5.97
C GLU A 140 -13.81 12.66 -5.14
N THR A 141 -13.19 12.10 -4.11
CA THR A 141 -12.38 12.91 -3.19
C THR A 141 -11.26 13.63 -3.92
N ALA A 142 -10.61 12.96 -4.86
CA ALA A 142 -9.50 13.57 -5.57
C ALA A 142 -9.94 14.42 -6.75
N GLY A 143 -11.23 14.49 -7.07
CA GLY A 143 -11.66 15.16 -8.28
C GLY A 143 -10.94 14.68 -9.52
N ALA A 144 -10.74 13.37 -9.63
CA ALA A 144 -9.90 12.82 -10.68
C ALA A 144 -10.50 13.05 -12.06
N THR A 145 -9.63 13.33 -13.02
CA THR A 145 -10.05 13.55 -14.39
C THR A 145 -9.88 12.33 -15.28
N ALA A 146 -9.20 11.28 -14.81
CA ALA A 146 -8.94 10.11 -15.61
C ALA A 146 -8.82 8.89 -14.71
N TYR A 147 -9.05 7.73 -15.31
CA TYR A 147 -9.11 6.45 -14.62
C TYR A 147 -8.48 5.42 -15.54
N VAL A 148 -7.48 4.70 -15.05
CA VAL A 148 -6.69 3.74 -15.84
C VAL A 148 -6.96 2.34 -15.30
N ILE A 149 -7.36 1.43 -16.19
CA ILE A 149 -7.84 0.10 -15.81
C ILE A 149 -7.25 -0.95 -16.75
N PRO A 150 -7.22 -2.21 -16.31
CA PRO A 150 -7.14 -3.31 -17.27
C PRO A 150 -8.49 -3.49 -17.96
N ASP A 151 -8.52 -4.35 -18.98
CA ASP A 151 -9.83 -4.69 -19.54
C ASP A 151 -10.50 -5.74 -18.65
N VAL A 152 -9.93 -6.95 -18.60
CA VAL A 152 -10.41 -8.01 -17.73
C VAL A 152 -9.22 -8.51 -16.92
N LEU A 153 -9.42 -8.66 -15.62
CA LEU A 153 -8.35 -9.08 -14.74
C LEU A 153 -8.93 -9.98 -13.65
N ASP A 154 -8.35 -11.18 -13.53
CA ASP A 154 -8.83 -12.18 -12.58
C ASP A 154 -10.32 -12.43 -12.75
N GLY A 155 -10.78 -12.43 -14.01
CA GLY A 155 -12.16 -12.71 -14.33
C GLY A 155 -13.12 -11.55 -14.21
N PHE A 156 -12.67 -10.39 -13.72
CA PHE A 156 -13.53 -9.23 -13.53
C PHE A 156 -13.29 -8.20 -14.64
N ASP A 157 -14.36 -7.71 -15.23
CA ASP A 157 -14.29 -6.74 -16.32
C ASP A 157 -14.28 -5.34 -15.70
N HIS A 158 -13.09 -4.72 -15.68
CA HIS A 158 -12.94 -3.40 -15.10
C HIS A 158 -13.57 -2.29 -15.94
N ARG A 159 -13.86 -2.56 -17.22
CA ARG A 159 -14.48 -1.55 -18.05
C ARG A 159 -15.89 -1.24 -17.57
N ALA A 160 -16.62 -2.26 -17.12
CA ALA A 160 -17.92 -2.03 -16.51
C ALA A 160 -17.79 -1.13 -15.28
N LEU A 161 -16.78 -1.40 -14.45
CA LEU A 161 -16.50 -0.56 -13.30
C LEU A 161 -16.18 0.88 -13.71
N ALA A 162 -15.45 1.06 -14.81
CA ALA A 162 -15.16 2.40 -15.27
C ALA A 162 -16.42 3.11 -15.74
N ARG A 163 -17.31 2.40 -16.43
CA ARG A 163 -18.61 2.97 -16.79
C ARG A 163 -19.38 3.38 -15.55
N ALA A 164 -19.38 2.55 -14.52
CA ALA A 164 -20.07 2.89 -13.28
C ALA A 164 -19.40 4.05 -12.57
N ALA A 165 -18.07 4.10 -12.61
CA ALA A 165 -17.34 5.20 -12.00
C ALA A 165 -17.62 6.52 -12.72
N ARG A 166 -17.63 6.50 -14.05
CA ARG A 166 -17.93 7.71 -14.82
C ARG A 166 -19.34 8.22 -14.53
N LYS A 167 -20.30 7.31 -14.34
CA LYS A 167 -21.66 7.71 -14.04
C LYS A 167 -21.73 8.45 -12.70
N ALA A 168 -20.99 8.00 -11.71
CA ALA A 168 -21.04 8.59 -10.38
C ALA A 168 -20.10 9.78 -10.22
N VAL A 169 -19.04 9.87 -11.01
CA VAL A 169 -18.06 10.93 -10.85
C VAL A 169 -17.91 11.67 -12.18
N PRO A 170 -18.61 12.79 -12.35
CA PRO A 170 -18.58 13.49 -13.64
C PRO A 170 -17.21 14.04 -14.02
N SER A 171 -16.31 14.25 -13.07
CA SER A 171 -15.01 14.80 -13.43
C SER A 171 -14.19 13.84 -14.29
N ILE A 172 -14.50 12.56 -14.30
CA ILE A 172 -13.71 11.59 -15.05
C ILE A 172 -13.99 11.77 -16.54
N GLU A 173 -13.04 12.37 -17.24
CA GLU A 173 -13.15 12.59 -18.68
C GLU A 173 -12.56 11.48 -19.51
N HIS A 174 -11.51 10.82 -19.03
CA HIS A 174 -10.82 9.82 -19.82
C HIS A 174 -10.69 8.52 -19.04
N VAL A 175 -10.86 7.42 -19.77
CA VAL A 175 -10.59 6.09 -19.26
C VAL A 175 -9.59 5.47 -20.22
N LEU A 176 -8.43 5.09 -19.68
CA LEU A 176 -7.38 4.47 -20.47
C LEU A 176 -7.29 3.01 -20.06
N VAL A 177 -7.35 2.11 -21.05
CA VAL A 177 -7.51 0.68 -20.81
C VAL A 177 -6.26 -0.04 -21.29
N ALA A 178 -5.68 -0.87 -20.42
CA ALA A 178 -4.58 -1.75 -20.79
C ALA A 178 -5.18 -3.03 -21.35
N GLY A 179 -5.43 -3.03 -22.64
CA GLY A 179 -6.09 -4.14 -23.29
C GLY A 179 -7.07 -3.67 -24.32
N GLU A 180 -8.19 -4.38 -24.48
CA GLU A 180 -9.23 -3.94 -25.39
C GLU A 180 -9.99 -2.78 -24.77
N ALA A 181 -9.91 -1.61 -25.39
CA ALA A 181 -10.36 -0.39 -24.75
C ALA A 181 -11.87 -0.14 -24.89
N ALA A 182 -12.56 -0.91 -25.72
CA ALA A 182 -14.00 -0.76 -25.94
C ALA A 182 -14.24 0.66 -26.46
N GLU A 183 -15.15 1.42 -25.87
CA GLU A 183 -15.39 2.79 -26.33
C GLU A 183 -14.39 3.78 -25.75
N PHE A 184 -13.47 3.34 -24.93
CA PHE A 184 -12.55 4.21 -24.22
C PHE A 184 -11.25 4.32 -25.01
N THR A 185 -10.15 4.66 -24.34
CA THR A 185 -8.87 4.90 -24.98
C THR A 185 -7.92 3.77 -24.62
N ALA A 186 -7.24 3.20 -25.61
CA ALA A 186 -6.27 2.16 -25.35
C ALA A 186 -4.99 2.77 -24.78
N LEU A 187 -4.53 2.22 -23.64
CA LEU A 187 -3.36 2.77 -22.98
C LEU A 187 -2.14 2.75 -23.89
N ALA A 188 -2.03 1.73 -24.74
CA ALA A 188 -0.93 1.64 -25.70
C ALA A 188 -0.99 2.76 -26.75
N ASP A 189 -2.16 3.33 -27.00
CA ASP A 189 -2.28 4.44 -27.94
C ASP A 189 -1.88 5.78 -27.33
N VAL A 190 -1.70 5.85 -26.02
CA VAL A 190 -1.28 7.10 -25.40
C VAL A 190 0.23 7.21 -25.60
N ASP A 191 0.61 7.90 -26.67
CA ASP A 191 1.96 7.88 -27.20
C ASP A 191 2.15 9.06 -28.16
N ALA A 192 3.24 9.81 -28.02
CA ALA A 192 3.50 10.94 -28.90
C ALA A 192 4.99 11.26 -28.87
N ALA A 193 5.42 12.10 -29.80
CA ALA A 193 6.81 12.53 -29.80
C ALA A 193 7.08 13.30 -28.51
N PRO A 194 8.21 13.05 -27.85
CA PRO A 194 8.49 13.73 -26.58
C PRO A 194 8.55 15.25 -26.75
N VAL A 195 8.10 15.94 -25.71
N VAL A 195 8.06 15.95 -25.72
CA VAL A 195 7.96 17.39 -25.71
CA VAL A 195 7.95 17.40 -25.71
C VAL A 195 8.65 17.90 -24.44
C VAL A 195 8.65 17.90 -24.44
N PRO A 196 9.25 19.09 -24.46
CA PRO A 196 9.73 19.70 -23.22
C PRO A 196 8.61 19.81 -22.19
N LEU A 197 8.84 19.20 -21.03
CA LEU A 197 7.86 19.19 -19.94
C LEU A 197 8.47 19.80 -18.71
N ALA A 198 7.76 20.74 -18.09
CA ALA A 198 8.28 21.45 -16.94
C ALA A 198 8.37 20.51 -15.74
N GLU A 199 9.30 20.78 -14.91
CA GLU A 199 9.44 19.95 -13.72
C GLU A 199 8.53 20.45 -12.61
N PRO A 200 8.09 19.55 -11.73
CA PRO A 200 7.27 19.97 -10.60
C PRO A 200 8.15 20.40 -9.44
N ASP A 201 7.53 21.14 -8.53
CA ASP A 201 8.18 21.51 -7.29
C ASP A 201 8.34 20.28 -6.42
N PRO A 202 9.54 20.00 -5.91
CA PRO A 202 9.72 18.79 -5.10
C PRO A 202 9.00 18.82 -3.78
N GLY A 203 8.53 19.98 -3.34
CA GLY A 203 7.75 20.06 -2.13
C GLY A 203 6.28 19.82 -2.31
N ASP A 204 5.85 19.66 -3.55
CA ASP A 204 4.46 19.39 -3.88
C ASP A 204 4.16 17.90 -3.80
N VAL A 205 2.87 17.60 -3.66
CA VAL A 205 2.39 16.22 -3.67
C VAL A 205 2.79 15.55 -4.97
N ALA A 206 3.46 14.40 -4.86
CA ALA A 206 3.82 13.60 -6.02
C ALA A 206 2.76 12.57 -6.37
N LEU A 207 2.16 11.94 -5.37
CA LEU A 207 1.18 10.91 -5.59
C LEU A 207 0.31 10.80 -4.36
N LEU A 208 -0.82 10.10 -4.51
CA LEU A 208 -1.76 9.87 -3.43
C LEU A 208 -1.89 8.37 -3.22
N LEU A 209 -1.61 7.90 -2.01
CA LEU A 209 -1.77 6.52 -1.62
C LEU A 209 -3.08 6.34 -0.87
N LEU A 210 -3.55 5.10 -0.82
CA LEU A 210 -4.76 4.74 -0.11
C LEU A 210 -4.41 4.04 1.18
N SER A 211 -5.08 4.42 2.26
CA SER A 211 -4.97 3.69 3.51
C SER A 211 -6.28 2.97 3.78
N GLY A 212 -6.20 1.83 4.47
CA GLY A 212 -7.41 1.15 4.90
C GLY A 212 -8.26 2.05 5.76
N GLY A 213 -7.62 2.76 6.66
CA GLY A 213 -8.32 3.75 7.44
C GLY A 213 -9.13 3.13 8.54
N THR A 214 -9.82 4.02 9.24
CA THR A 214 -10.63 3.66 10.39
C THR A 214 -11.97 4.36 10.37
N THR A 215 -12.26 5.15 9.36
CA THR A 215 -13.52 5.86 9.23
C THR A 215 -14.38 5.15 8.17
N GLY A 216 -15.48 5.79 7.80
CA GLY A 216 -16.42 5.23 6.86
C GLY A 216 -16.03 5.37 5.41
N LYS A 217 -14.89 5.98 5.14
CA LYS A 217 -14.36 6.16 3.80
C LYS A 217 -12.86 5.93 3.85
N PRO A 218 -12.27 5.29 2.83
CA PRO A 218 -10.80 5.22 2.78
C PRO A 218 -10.21 6.61 2.63
N LYS A 219 -9.05 6.81 3.21
CA LYS A 219 -8.41 8.12 3.26
C LYS A 219 -7.19 8.16 2.36
N LEU A 220 -7.01 9.28 1.68
CA LEU A 220 -5.93 9.44 0.73
C LEU A 220 -4.72 10.08 1.42
N ILE A 221 -3.54 9.51 1.17
CA ILE A 221 -2.30 9.92 1.81
C ILE A 221 -1.47 10.69 0.77
N PRO A 222 -1.24 11.99 0.96
CA PRO A 222 -0.37 12.71 0.03
C PRO A 222 1.09 12.48 0.36
N ARG A 223 1.88 12.13 -0.65
CA ARG A 223 3.31 11.96 -0.50
C ARG A 223 4.00 12.87 -1.50
N THR A 224 4.92 13.68 -1.00
CA THR A 224 5.61 14.67 -1.80
C THR A 224 6.82 14.06 -2.49
N HIS A 225 7.35 14.78 -3.48
CA HIS A 225 8.55 14.32 -4.16
C HIS A 225 9.70 14.13 -3.20
N ASP A 226 9.93 15.10 -2.32
CA ASP A 226 11.08 15.04 -1.42
C ASP A 226 10.93 13.89 -0.42
N ASP A 227 9.74 13.71 0.15
CA ASP A 227 9.66 12.70 1.18
C ASP A 227 9.57 11.30 0.58
N TYR A 228 9.02 11.16 -0.61
CA TYR A 228 8.96 9.83 -1.20
C TYR A 228 10.30 9.41 -1.78
N THR A 229 11.04 10.34 -2.39
CA THR A 229 12.41 10.04 -2.80
C THR A 229 13.27 9.63 -1.61
N TYR A 230 13.10 10.29 -0.47
CA TYR A 230 13.85 9.93 0.72
C TYR A 230 13.44 8.54 1.21
N ASN A 231 12.13 8.31 1.31
CA ASN A 231 11.59 6.99 1.59
C ASN A 231 12.28 5.92 0.75
N VAL A 232 12.32 6.12 -0.57
CA VAL A 232 12.91 5.15 -1.47
C VAL A 232 14.43 5.04 -1.25
N ARG A 233 15.12 6.19 -1.20
CA ARG A 233 16.58 6.19 -1.16
C ARG A 233 17.11 5.61 0.14
N ALA A 234 16.56 6.06 1.27
CA ALA A 234 17.00 5.54 2.57
C ALA A 234 16.62 4.07 2.75
N SER A 235 15.48 3.65 2.21
CA SER A 235 15.13 2.23 2.28
C SER A 235 16.12 1.40 1.46
N ALA A 236 16.45 1.85 0.25
CA ALA A 236 17.43 1.14 -0.55
C ALA A 236 18.76 0.99 0.19
N GLU A 237 19.18 2.02 0.91
CA GLU A 237 20.44 1.94 1.66
C GLU A 237 20.38 0.88 2.76
N VAL A 238 19.33 0.92 3.58
CA VAL A 238 19.18 0.00 4.71
C VAL A 238 19.08 -1.44 4.22
N CYS A 239 18.46 -1.67 3.07
CA CYS A 239 18.25 -3.02 2.57
C CYS A 239 19.37 -3.51 1.66
N GLY A 240 20.39 -2.68 1.43
CA GLY A 240 21.49 -3.07 0.58
C GLY A 240 21.15 -3.22 -0.88
N PHE A 241 20.13 -2.52 -1.37
CA PHE A 241 19.82 -2.55 -2.78
C PHE A 241 20.91 -1.84 -3.58
N ASP A 242 21.39 -2.47 -4.63
CA ASP A 242 22.27 -1.77 -5.56
C ASP A 242 22.06 -2.37 -6.95
N SER A 243 23.00 -2.12 -7.87
CA SER A 243 22.82 -2.57 -9.25
C SER A 243 22.83 -4.09 -9.36
N ASP A 244 23.28 -4.81 -8.33
CA ASP A 244 23.24 -6.25 -8.27
C ASP A 244 21.91 -6.79 -7.77
N THR A 245 20.97 -5.93 -7.40
CA THR A 245 19.70 -6.39 -6.86
C THR A 245 18.76 -6.76 -7.99
N VAL A 246 18.15 -7.93 -7.89
CA VAL A 246 17.04 -8.33 -8.75
C VAL A 246 15.84 -8.50 -7.84
N TYR A 247 14.85 -7.62 -7.99
CA TYR A 247 13.73 -7.52 -7.07
C TYR A 247 12.46 -8.05 -7.71
N LEU A 248 11.79 -8.98 -7.03
CA LEU A 248 10.56 -9.57 -7.51
C LEU A 248 9.37 -8.86 -6.87
N VAL A 249 8.58 -8.17 -7.70
CA VAL A 249 7.38 -7.48 -7.21
C VAL A 249 6.29 -8.54 -7.05
N VAL A 250 6.06 -8.98 -5.82
CA VAL A 250 5.07 -10.01 -5.53
C VAL A 250 3.76 -9.40 -5.02
N LEU A 251 3.85 -8.38 -4.18
CA LEU A 251 2.68 -7.61 -3.82
C LEU A 251 2.29 -6.71 -4.99
N PRO A 252 1.08 -6.17 -4.98
CA PRO A 252 0.69 -5.22 -6.04
C PRO A 252 1.65 -4.04 -6.12
N THR A 253 1.92 -3.61 -7.35
CA THR A 253 2.82 -2.49 -7.57
C THR A 253 2.37 -1.24 -6.84
N ALA A 254 1.07 -1.11 -6.58
CA ALA A 254 0.51 0.07 -5.91
C ALA A 254 0.60 0.01 -4.39
N HIS A 255 1.00 -1.13 -3.83
CA HIS A 255 1.25 -1.24 -2.40
C HIS A 255 2.54 -0.51 -2.06
N ASN A 256 2.51 0.33 -1.02
CA ASN A 256 3.68 1.10 -0.62
C ASN A 256 4.90 0.19 -0.40
N PHE A 257 4.68 -0.98 0.22
CA PHE A 257 5.74 -1.94 0.50
C PHE A 257 6.51 -2.30 -0.77
N ALA A 258 5.79 -2.69 -1.81
CA ALA A 258 6.40 -3.14 -3.05
C ALA A 258 6.78 -2.00 -3.98
N LEU A 259 6.20 -0.82 -3.79
CA LEU A 259 6.54 0.32 -4.64
C LEU A 259 7.79 1.04 -4.16
N ALA A 260 7.95 1.19 -2.84
CA ALA A 260 8.92 2.16 -2.36
C ALA A 260 9.72 1.77 -1.12
N CYS A 261 9.57 0.56 -0.58
CA CYS A 261 10.19 0.22 0.70
C CYS A 261 11.10 -1.00 0.66
N PRO A 262 12.15 -0.99 -0.18
CA PRO A 262 12.52 -0.01 -1.22
C PRO A 262 11.72 -0.25 -2.50
N GLY A 263 11.24 -1.48 -2.69
CA GLY A 263 10.39 -1.88 -3.77
C GLY A 263 11.01 -1.64 -5.15
N LEU A 264 10.13 -1.49 -6.12
CA LEU A 264 10.58 -1.30 -7.49
C LEU A 264 11.21 0.07 -7.70
N LEU A 265 10.75 1.10 -7.00
CA LEU A 265 11.36 2.41 -7.17
C LEU A 265 12.80 2.43 -6.64
N GLY A 266 13.03 1.78 -5.50
CA GLY A 266 14.39 1.67 -4.99
C GLY A 266 15.30 0.87 -5.90
N THR A 267 14.76 -0.23 -6.45
CA THR A 267 15.53 -1.03 -7.41
C THR A 267 15.93 -0.19 -8.63
N LEU A 268 14.99 0.57 -9.18
CA LEU A 268 15.28 1.41 -10.33
C LEU A 268 16.22 2.55 -9.96
N MET A 269 16.03 3.16 -8.79
CA MET A 269 16.91 4.24 -8.37
C MET A 269 18.35 3.81 -8.41
N VAL A 270 18.64 2.62 -7.87
CA VAL A 270 20.01 2.15 -7.72
C VAL A 270 20.52 1.37 -8.94
N GLY A 271 19.69 1.11 -9.92
CA GLY A 271 20.14 0.44 -11.12
C GLY A 271 19.99 -1.06 -11.16
N GLY A 272 19.14 -1.64 -10.32
CA GLY A 272 18.90 -3.07 -10.33
C GLY A 272 17.92 -3.48 -11.41
N THR A 273 17.34 -4.66 -11.23
CA THR A 273 16.36 -5.21 -12.17
C THR A 273 15.07 -5.50 -11.43
N VAL A 274 13.99 -4.89 -11.87
CA VAL A 274 12.65 -5.18 -11.38
C VAL A 274 12.05 -6.33 -12.18
N VAL A 275 11.59 -7.36 -11.48
CA VAL A 275 10.90 -8.50 -12.08
C VAL A 275 9.47 -8.53 -11.54
N LEU A 276 8.49 -8.49 -12.43
CA LEU A 276 7.10 -8.46 -12.03
C LEU A 276 6.51 -9.87 -11.95
N ALA A 277 5.93 -10.21 -10.78
CA ALA A 277 5.23 -11.46 -10.61
C ALA A 277 3.73 -11.25 -10.76
N PRO A 278 3.04 -12.09 -11.52
CA PRO A 278 1.61 -11.89 -11.72
C PRO A 278 0.79 -12.30 -10.51
N THR A 279 1.25 -13.28 -9.76
CA THR A 279 0.62 -13.69 -8.52
C THR A 279 1.71 -14.11 -7.54
N PRO A 280 1.38 -14.19 -6.25
CA PRO A 280 2.34 -14.66 -5.25
C PRO A 280 2.43 -16.17 -5.11
N SER A 281 1.80 -16.95 -5.98
CA SER A 281 1.84 -18.39 -5.82
C SER A 281 3.26 -18.90 -6.03
N PRO A 282 3.62 -20.00 -5.35
CA PRO A 282 4.90 -20.65 -5.65
C PRO A 282 5.10 -20.97 -7.12
N GLU A 283 4.04 -21.43 -7.79
CA GLU A 283 4.11 -21.70 -9.22
C GLU A 283 4.71 -20.53 -9.98
N ASP A 284 4.16 -19.34 -9.79
CA ASP A 284 4.63 -18.18 -10.53
C ASP A 284 5.90 -17.60 -9.93
N ALA A 285 5.95 -17.45 -8.60
CA ALA A 285 7.06 -16.75 -7.97
C ALA A 285 8.33 -17.58 -7.96
N PHE A 286 8.23 -18.88 -7.61
CA PHE A 286 9.41 -19.72 -7.58
C PHE A 286 10.03 -19.88 -8.95
N GLU A 287 9.22 -19.90 -10.01
CA GLU A 287 9.74 -19.97 -11.37
C GLU A 287 10.49 -18.71 -11.75
N LEU A 288 9.95 -17.54 -11.41
CA LEU A 288 10.62 -16.29 -11.73
C LEU A 288 11.87 -16.09 -10.90
N ILE A 289 11.90 -16.57 -9.65
CA ILE A 289 13.10 -16.47 -8.83
C ILE A 289 14.23 -17.25 -9.49
N GLU A 290 13.95 -18.46 -9.93
CA GLU A 290 14.99 -19.27 -10.58
C GLU A 290 15.36 -18.68 -11.93
N ARG A 291 14.36 -18.31 -12.72
CA ARG A 291 14.63 -17.86 -14.08
C ARG A 291 15.41 -16.56 -14.09
N GLU A 292 15.02 -15.58 -13.29
CA GLU A 292 15.64 -14.26 -13.31
C GLU A 292 16.68 -14.08 -12.22
N LYS A 293 16.96 -15.11 -11.43
CA LYS A 293 17.93 -15.03 -10.33
C LYS A 293 17.61 -13.86 -9.39
N VAL A 294 16.37 -13.88 -8.89
CA VAL A 294 15.90 -12.86 -7.97
C VAL A 294 16.72 -12.90 -6.69
N THR A 295 17.11 -11.73 -6.19
CA THR A 295 17.85 -11.64 -4.95
C THR A 295 17.08 -11.03 -3.78
N ALA A 296 15.95 -10.37 -4.05
CA ALA A 296 15.18 -9.75 -2.99
C ALA A 296 13.70 -9.75 -3.35
N THR A 297 12.85 -9.81 -2.32
CA THR A 297 11.42 -9.64 -2.53
C THR A 297 10.75 -9.33 -1.19
N ALA A 298 9.46 -8.99 -1.25
CA ALA A 298 8.69 -8.57 -0.10
C ALA A 298 7.33 -9.23 -0.14
N VAL A 299 6.89 -9.79 1.00
CA VAL A 299 5.64 -10.53 1.10
C VAL A 299 4.97 -10.24 2.42
N VAL A 300 3.67 -10.52 2.47
CA VAL A 300 2.92 -10.53 3.72
C VAL A 300 3.10 -11.89 4.38
N PRO A 301 2.88 -11.99 5.69
CA PRO A 301 3.19 -13.24 6.41
C PRO A 301 2.41 -14.45 5.90
N PRO A 302 1.13 -14.32 5.52
CA PRO A 302 0.46 -15.50 4.95
C PRO A 302 1.20 -16.09 3.74
N VAL A 303 1.79 -15.26 2.90
CA VAL A 303 2.55 -15.76 1.76
C VAL A 303 3.91 -16.31 2.20
N ALA A 304 4.54 -15.68 3.19
CA ALA A 304 5.74 -16.25 3.80
C ALA A 304 5.49 -17.68 4.28
N LEU A 305 4.39 -17.89 5.02
CA LEU A 305 4.04 -19.22 5.49
C LEU A 305 3.81 -20.19 4.32
N LEU A 306 3.16 -19.70 3.27
CA LEU A 306 2.91 -20.53 2.08
C LEU A 306 4.22 -20.94 1.41
N TRP A 307 5.14 -19.99 1.24
CA TRP A 307 6.43 -20.32 0.63
C TRP A 307 7.25 -21.23 1.51
N LEU A 308 7.19 -21.03 2.82
CA LEU A 308 7.95 -21.86 3.75
C LEU A 308 7.48 -23.32 3.68
N ASP A 309 6.19 -23.53 3.47
CA ASP A 309 5.67 -24.87 3.22
C ASP A 309 6.10 -25.39 1.85
N ALA A 310 5.94 -24.56 0.82
CA ALA A 310 5.99 -25.02 -0.56
C ALA A 310 7.36 -25.50 -0.99
N VAL A 311 8.44 -25.02 -0.37
CA VAL A 311 9.77 -25.47 -0.76
C VAL A 311 9.98 -26.95 -0.47
N GLU A 312 9.12 -27.55 0.37
CA GLU A 312 9.24 -28.96 0.68
C GLU A 312 8.69 -29.86 -0.41
N TRP A 313 7.96 -29.31 -1.38
CA TRP A 313 7.50 -30.09 -2.51
C TRP A 313 7.76 -29.43 -3.86
N GLU A 314 8.37 -28.25 -3.90
CA GLU A 314 8.72 -27.58 -5.13
C GLU A 314 10.22 -27.73 -5.37
N ASP A 315 10.58 -27.99 -6.62
CA ASP A 315 11.95 -28.30 -7.01
C ASP A 315 12.69 -27.08 -7.55
N ALA A 316 12.11 -25.89 -7.44
CA ALA A 316 12.73 -24.69 -7.97
C ALA A 316 14.04 -24.38 -7.23
N ASP A 317 15.02 -23.89 -7.98
CA ASP A 317 16.26 -23.39 -7.40
C ASP A 317 16.06 -21.94 -6.98
N LEU A 318 15.95 -21.72 -5.67
CA LEU A 318 15.72 -20.40 -5.10
C LEU A 318 16.98 -19.82 -4.49
N SER A 319 18.15 -20.40 -4.79
CA SER A 319 19.38 -20.07 -4.08
C SER A 319 19.82 -18.62 -4.29
N SER A 320 19.46 -18.01 -5.42
CA SER A 320 19.81 -16.63 -5.66
C SER A 320 19.19 -15.67 -4.65
N LEU A 321 18.09 -16.06 -4.01
CA LEU A 321 17.44 -15.22 -3.02
C LEU A 321 18.38 -14.91 -1.87
N ARG A 322 18.57 -13.61 -1.61
CA ARG A 322 19.37 -13.15 -0.49
C ARG A 322 18.55 -12.48 0.61
N LEU A 323 17.42 -11.86 0.28
CA LEU A 323 16.66 -11.08 1.22
C LEU A 323 15.17 -11.32 1.03
N LEU A 324 14.50 -11.70 2.12
CA LEU A 324 13.04 -11.84 2.14
C LEU A 324 12.49 -10.84 3.15
N GLN A 325 11.86 -9.78 2.65
CA GLN A 325 11.17 -8.86 3.53
C GLN A 325 9.77 -9.38 3.84
N VAL A 326 9.39 -9.35 5.10
CA VAL A 326 8.07 -9.79 5.53
C VAL A 326 7.45 -8.72 6.41
N GLY A 327 6.29 -8.22 6.00
CA GLY A 327 5.59 -7.21 6.77
C GLY A 327 4.14 -7.15 6.36
N GLY A 328 3.38 -6.36 7.13
CA GLY A 328 1.96 -6.15 6.90
C GLY A 328 1.11 -6.64 8.03
N SER A 329 1.55 -7.69 8.69
CA SER A 329 1.06 -8.14 9.97
C SER A 329 2.27 -8.77 10.66
N LYS A 330 2.10 -9.20 11.89
CA LYS A 330 3.27 -9.64 12.63
C LYS A 330 3.61 -11.07 12.22
N LEU A 331 4.83 -11.27 11.74
CA LEU A 331 5.34 -12.61 11.50
C LEU A 331 5.72 -13.26 12.83
N GLY A 332 5.23 -14.47 13.06
CA GLY A 332 5.56 -15.15 14.29
C GLY A 332 7.03 -15.54 14.39
N ALA A 333 7.48 -15.69 15.64
CA ALA A 333 8.90 -15.99 15.87
C ALA A 333 9.29 -17.38 15.37
N GLU A 334 8.35 -18.32 15.37
CA GLU A 334 8.70 -19.67 14.92
C GLU A 334 8.89 -19.73 13.40
N PRO A 335 7.95 -19.28 12.57
CA PRO A 335 8.25 -19.26 11.13
C PRO A 335 9.36 -18.30 10.76
N ALA A 336 9.57 -17.24 11.53
CA ALA A 336 10.67 -16.31 11.26
C ALA A 336 12.01 -17.04 11.32
N ALA A 337 12.20 -17.88 12.33
CA ALA A 337 13.41 -18.68 12.49
C ALA A 337 13.59 -19.71 11.38
N ARG A 338 12.52 -20.06 10.66
CA ARG A 338 12.59 -21.03 9.58
C ARG A 338 13.06 -20.43 8.26
N VAL A 339 13.13 -19.10 8.13
CA VAL A 339 13.39 -18.49 6.82
C VAL A 339 14.77 -18.86 6.30
N ARG A 340 15.79 -18.79 7.17
CA ARG A 340 17.14 -19.15 6.72
C ARG A 340 17.26 -20.63 6.39
N PRO A 341 16.86 -21.58 7.24
CA PRO A 341 16.98 -23.00 6.85
C PRO A 341 16.19 -23.36 5.62
N ALA A 342 14.95 -22.88 5.52
CA ALA A 342 14.03 -23.29 4.47
C ALA A 342 14.24 -22.52 3.17
N LEU A 343 14.41 -21.20 3.23
CA LEU A 343 14.49 -20.38 2.04
C LEU A 343 15.91 -19.92 1.70
N GLY A 344 16.88 -20.21 2.56
CA GLY A 344 18.26 -19.91 2.25
C GLY A 344 18.60 -18.45 2.13
N CYS A 345 17.85 -17.58 2.82
CA CYS A 345 18.04 -16.15 2.68
C CYS A 345 17.92 -15.49 4.04
N THR A 346 18.23 -14.19 4.07
CA THR A 346 18.08 -13.37 5.26
C THR A 346 16.64 -12.86 5.37
N LEU A 347 16.06 -12.99 6.56
CA LEU A 347 14.78 -12.37 6.84
C LEU A 347 14.96 -10.92 7.28
N GLN A 348 14.10 -10.05 6.78
CA GLN A 348 13.98 -8.69 7.28
C GLN A 348 12.52 -8.44 7.63
N GLN A 349 12.23 -8.20 8.90
CA GLN A 349 10.89 -7.81 9.30
C GLN A 349 10.69 -6.32 9.05
N VAL A 350 9.56 -5.96 8.47
CA VAL A 350 9.24 -4.58 8.14
C VAL A 350 7.88 -4.24 8.72
N PHE A 351 7.85 -3.25 9.60
CA PHE A 351 6.61 -2.72 10.16
C PHE A 351 6.48 -1.31 9.58
N GLY A 352 5.70 -1.19 8.52
CA GLY A 352 5.54 0.07 7.83
C GLY A 352 4.08 0.42 7.65
N MET A 353 3.85 1.53 6.97
CA MET A 353 2.51 2.08 6.75
C MET A 353 2.60 3.08 5.61
N ALA A 354 1.52 3.18 4.82
CA ALA A 354 1.53 4.13 3.73
C ALA A 354 1.58 5.56 4.23
N GLU A 355 1.18 5.77 5.49
CA GLU A 355 1.23 7.07 6.11
C GLU A 355 2.64 7.59 6.31
N GLY A 356 3.65 6.72 6.27
CA GLY A 356 5.02 7.13 6.50
C GLY A 356 5.87 6.09 7.18
N LEU A 357 6.06 6.25 8.49
CA LEU A 357 7.06 5.55 9.32
C LEU A 357 7.30 4.12 8.88
N LEU A 358 8.56 3.80 8.60
CA LEU A 358 9.03 2.47 8.29
C LEU A 358 9.98 2.01 9.38
N ASN A 359 9.73 0.83 9.92
CA ASN A 359 10.65 0.15 10.80
C ASN A 359 11.21 -1.07 10.09
N TYR A 360 12.53 -1.22 10.12
CA TYR A 360 13.24 -2.31 9.48
C TYR A 360 14.16 -2.99 10.48
N THR A 361 14.21 -4.32 10.47
CA THR A 361 15.38 -4.95 11.03
C THR A 361 16.54 -4.76 10.08
N ARG A 362 17.73 -4.60 10.63
CA ARG A 362 18.90 -4.41 9.80
C ARG A 362 19.44 -5.77 9.35
N LEU A 363 20.02 -5.79 8.15
CA LEU A 363 20.39 -7.08 7.56
C LEU A 363 21.41 -7.84 8.39
N ASP A 364 22.26 -7.14 9.14
CA ASP A 364 23.23 -7.78 10.03
C ASP A 364 22.84 -7.70 11.50
N ASP A 365 21.58 -7.41 11.80
CA ASP A 365 21.08 -7.52 13.16
C ASP A 365 21.33 -8.94 13.64
N PRO A 366 21.60 -9.15 14.93
CA PRO A 366 21.65 -10.53 15.43
C PRO A 366 20.33 -11.23 15.13
N SER A 367 20.42 -12.53 14.91
CA SER A 367 19.23 -13.30 14.52
C SER A 367 18.12 -13.17 15.55
N ASP A 368 18.46 -13.00 16.84
CA ASP A 368 17.46 -12.79 17.88
C ASP A 368 16.51 -11.64 17.54
N LEU A 369 17.07 -10.51 17.09
CA LEU A 369 16.25 -9.34 16.81
C LEU A 369 15.48 -9.48 15.50
N VAL A 370 16.04 -10.21 14.52
CA VAL A 370 15.32 -10.47 13.28
C VAL A 370 14.12 -11.37 13.55
N ILE A 371 14.24 -12.27 14.52
CA ILE A 371 13.20 -13.23 14.82
C ILE A 371 12.14 -12.61 15.74
N GLN A 372 12.56 -11.76 16.68
CA GLN A 372 11.68 -11.34 17.76
C GLN A 372 11.14 -9.92 17.64
N THR A 373 11.65 -9.10 16.73
CA THR A 373 11.23 -7.71 16.66
C THR A 373 10.78 -7.36 15.25
N GLN A 374 10.10 -6.21 15.14
CA GLN A 374 9.61 -5.69 13.88
C GLN A 374 10.42 -4.47 13.42
N GLY A 375 11.68 -4.41 13.83
CA GLY A 375 12.59 -3.40 13.33
C GLY A 375 12.67 -2.14 14.18
N ARG A 376 13.57 -1.27 13.76
CA ARG A 376 13.69 0.07 14.30
C ARG A 376 13.57 1.09 13.17
N PRO A 377 13.22 2.34 13.49
CA PRO A 377 12.83 3.30 12.45
C PRO A 377 13.91 3.56 11.42
N LEU A 378 13.46 3.90 10.22
CA LEU A 378 14.35 4.12 9.09
C LEU A 378 15.24 5.35 9.29
N SER A 379 14.65 6.48 9.70
CA SER A 379 15.37 7.75 9.74
C SER A 379 15.84 8.09 11.15
N PRO A 380 17.04 8.67 11.26
CA PRO A 380 17.45 9.26 12.54
C PRO A 380 16.46 10.28 13.08
N ASP A 381 15.68 10.92 12.22
CA ASP A 381 14.70 11.91 12.62
C ASP A 381 13.27 11.39 12.58
N ASP A 382 13.10 10.07 12.54
CA ASP A 382 11.81 9.48 12.89
C ASP A 382 11.63 9.59 14.39
N GLU A 383 10.61 10.33 14.82
CA GLU A 383 10.36 10.53 16.23
C GLU A 383 9.26 9.58 16.68
N ILE A 384 9.48 8.96 17.84
CA ILE A 384 8.66 7.89 18.36
C ILE A 384 8.14 8.32 19.74
N ARG A 385 6.85 8.14 19.96
CA ARG A 385 6.24 8.25 21.27
C ARG A 385 5.31 7.08 21.48
N VAL A 386 5.32 6.50 22.67
CA VAL A 386 4.44 5.40 23.03
C VAL A 386 3.64 5.85 24.24
N VAL A 387 2.32 5.96 24.08
CA VAL A 387 1.48 6.62 25.07
C VAL A 387 0.38 5.67 25.55
N ASP A 388 -0.09 5.92 26.76
CA ASP A 388 -1.15 5.12 27.36
C ASP A 388 -2.52 5.69 26.97
N GLU A 389 -3.58 5.15 27.58
CA GLU A 389 -4.93 5.56 27.20
C GLU A 389 -5.18 7.04 27.46
N ASP A 390 -4.47 7.62 28.43
CA ASP A 390 -4.59 9.04 28.70
C ASP A 390 -3.76 9.91 27.79
N GLY A 391 -2.83 9.33 27.03
CA GLY A 391 -1.96 10.11 26.18
C GLY A 391 -0.61 10.44 26.76
N ARG A 392 -0.26 9.89 27.90
CA ARG A 392 1.03 10.14 28.52
C ARG A 392 2.01 9.05 28.13
N ASP A 393 3.28 9.44 28.04
CA ASP A 393 4.31 8.50 27.67
C ASP A 393 4.37 7.35 28.68
N VAL A 394 4.50 6.12 28.16
CA VAL A 394 4.64 4.96 29.03
C VAL A 394 6.06 4.89 29.57
N ALA A 395 6.23 4.13 30.63
CA ALA A 395 7.57 3.79 31.08
C ALA A 395 8.25 2.95 30.00
N PRO A 396 9.55 3.10 29.81
CA PRO A 396 10.24 2.34 28.76
C PRO A 396 10.00 0.84 28.89
N GLY A 397 9.63 0.22 27.77
CA GLY A 397 9.29 -1.19 27.76
C GLY A 397 7.83 -1.52 28.05
N GLU A 398 7.02 -0.54 28.42
CA GLU A 398 5.59 -0.74 28.55
C GLU A 398 4.92 -0.68 27.17
N THR A 399 3.74 -1.31 27.07
CA THR A 399 2.96 -1.31 25.84
C THR A 399 2.02 -0.12 25.79
N GLY A 400 2.01 0.58 24.67
CA GLY A 400 1.09 1.67 24.44
C GLY A 400 0.94 1.96 22.97
N GLU A 401 0.20 3.02 22.67
CA GLU A 401 -0.05 3.38 21.28
C GLU A 401 1.13 4.14 20.70
N LEU A 402 1.53 3.77 19.50
CA LEU A 402 2.63 4.41 18.80
C LEU A 402 2.15 5.68 18.12
N LEU A 403 2.77 6.80 18.45
CA LEU A 403 2.64 8.05 17.72
C LEU A 403 3.98 8.37 17.09
N THR A 404 3.94 8.99 15.91
CA THR A 404 5.18 9.19 15.19
C THR A 404 5.11 10.44 14.33
N ARG A 405 6.29 11.00 14.06
CA ARG A 405 6.51 12.23 13.32
C ARG A 405 7.87 12.10 12.65
N GLY A 406 7.99 12.53 11.40
CA GLY A 406 9.24 12.39 10.71
C GLY A 406 9.29 12.99 9.32
N PRO A 407 10.42 12.81 8.62
CA PRO A 407 10.61 13.44 7.32
C PRO A 407 9.85 12.80 6.17
N TYR A 408 9.08 11.74 6.41
CA TYR A 408 8.27 11.15 5.35
C TYR A 408 6.93 10.66 5.90
N THR A 409 6.54 11.11 7.09
CA THR A 409 5.22 10.81 7.66
C THR A 409 4.33 12.04 7.51
N LEU A 410 3.10 11.82 7.06
CA LEU A 410 2.22 12.93 6.72
C LEU A 410 1.82 13.74 7.95
N ARG A 411 1.50 15.01 7.71
CA ARG A 411 0.92 15.86 8.73
C ARG A 411 -0.60 15.92 8.66
N GLY A 412 -1.18 15.27 7.68
CA GLY A 412 -2.63 15.20 7.54
C GLY A 412 -3.03 14.46 6.28
N TYR A 413 -4.18 13.81 6.31
CA TYR A 413 -4.69 13.13 5.13
C TYR A 413 -5.23 14.16 4.14
N TYR A 414 -5.48 13.70 2.93
CA TYR A 414 -5.91 14.57 1.84
C TYR A 414 -7.40 14.85 1.97
N ARG A 415 -7.74 16.12 2.10
CA ARG A 415 -9.13 16.57 2.13
C ARG A 415 -9.95 15.84 3.19
N ALA A 416 -9.35 15.67 4.37
CA ALA A 416 -10.04 15.07 5.51
C ALA A 416 -9.82 15.91 6.76
N PRO A 417 -10.29 17.16 6.77
CA PRO A 417 -10.06 18.03 7.93
C PRO A 417 -10.52 17.45 9.25
N GLU A 418 -11.72 16.86 9.28
CA GLU A 418 -12.28 16.39 10.54
C GLU A 418 -11.51 15.18 11.07
N HIS A 419 -11.15 14.26 10.19
CA HIS A 419 -10.36 13.11 10.62
C HIS A 419 -8.96 13.54 11.04
N ASN A 420 -8.37 14.49 10.31
CA ASN A 420 -7.06 15.01 10.68
C ASN A 420 -7.07 15.58 12.10
N ALA A 421 -8.16 16.22 12.48
CA ALA A 421 -8.25 16.77 13.84
C ALA A 421 -8.24 15.66 14.89
N ARG A 422 -8.75 14.48 14.57
CA ARG A 422 -8.78 13.37 15.51
C ARG A 422 -7.48 12.58 15.53
N THR A 423 -6.77 12.52 14.41
CA THR A 423 -5.73 11.53 14.19
C THR A 423 -4.32 12.08 14.36
N PHE A 424 -4.16 13.40 14.43
CA PHE A 424 -2.85 14.00 14.61
C PHE A 424 -2.87 14.88 15.86
N SER A 425 -1.88 14.71 16.74
CA SER A 425 -1.76 15.55 17.92
C SER A 425 -1.55 17.01 17.50
N ASP A 426 -1.67 17.90 18.48
CA ASP A 426 -1.54 19.33 18.21
C ASP A 426 -0.16 19.66 17.63
N ASP A 427 0.89 18.97 18.07
CA ASP A 427 2.24 19.23 17.59
C ASP A 427 2.64 18.33 16.42
N GLY A 428 1.69 17.69 15.76
CA GLY A 428 1.93 17.04 14.49
C GLY A 428 2.27 15.58 14.52
N PHE A 429 2.06 14.89 15.64
CA PHE A 429 2.33 13.46 15.71
C PHE A 429 1.16 12.67 15.14
N TYR A 430 1.45 11.75 14.22
CA TYR A 430 0.44 10.86 13.67
C TYR A 430 0.17 9.70 14.63
N ARG A 431 -1.11 9.48 14.94
CA ARG A 431 -1.53 8.44 15.86
C ARG A 431 -1.79 7.16 15.05
N THR A 432 -0.90 6.18 15.17
CA THR A 432 -0.93 5.05 14.25
C THR A 432 -2.05 4.08 14.55
N GLY A 433 -2.50 4.01 15.81
CA GLY A 433 -3.42 2.97 16.20
C GLY A 433 -2.76 1.63 16.45
N ASP A 434 -1.45 1.55 16.39
CA ASP A 434 -0.70 0.33 16.67
C ASP A 434 -0.25 0.34 18.12
N LEU A 435 -0.33 -0.81 18.77
CA LEU A 435 0.20 -0.99 20.11
C LEU A 435 1.57 -1.65 20.02
N VAL A 436 2.58 -1.04 20.66
CA VAL A 436 3.98 -1.45 20.54
C VAL A 436 4.69 -1.34 21.88
N ARG A 437 5.81 -2.06 21.98
CA ARG A 437 6.88 -1.88 22.93
C ARG A 437 8.12 -1.35 22.21
N VAL A 438 8.91 -0.52 22.88
CA VAL A 438 10.24 -0.16 22.40
C VAL A 438 11.26 -0.81 23.31
N LEU A 439 12.22 -1.49 22.72
CA LEU A 439 13.28 -2.21 23.41
C LEU A 439 14.49 -1.31 23.63
N PRO A 440 15.37 -1.66 24.58
CA PRO A 440 16.56 -0.83 24.81
C PRO A 440 17.36 -0.50 23.57
N SER A 441 17.40 -1.39 22.57
CA SER A 441 18.10 -1.14 21.33
C SER A 441 17.36 -0.15 20.43
N GLY A 442 16.12 0.20 20.75
CA GLY A 442 15.29 1.00 19.87
C GLY A 442 14.41 0.21 18.94
N HIS A 443 14.59 -1.11 18.87
CA HIS A 443 13.74 -1.98 18.08
C HIS A 443 12.36 -2.05 18.69
N LEU A 444 11.36 -2.20 17.82
CA LEU A 444 9.97 -2.25 18.24
C LEU A 444 9.47 -3.68 18.22
N VAL A 445 8.55 -3.98 19.13
CA VAL A 445 7.76 -5.19 19.09
C VAL A 445 6.29 -4.79 18.97
N VAL A 446 5.64 -5.20 17.89
CA VAL A 446 4.23 -4.92 17.71
C VAL A 446 3.41 -5.84 18.59
N GLU A 447 2.54 -5.26 19.41
CA GLU A 447 1.80 -5.98 20.43
C GLU A 447 0.31 -6.08 20.18
N GLY A 448 -0.25 -5.25 19.31
CA GLY A 448 -1.67 -5.30 19.07
C GLY A 448 -2.09 -4.07 18.30
N ARG A 449 -3.38 -3.80 18.32
CA ARG A 449 -3.92 -2.61 17.67
C ARG A 449 -4.92 -1.96 18.59
N ALA A 450 -4.96 -0.63 18.53
CA ALA A 450 -5.99 0.15 19.18
C ALA A 450 -7.10 0.57 18.23
N LYS A 451 -6.79 0.72 16.94
CA LYS A 451 -7.74 1.19 15.97
C LYS A 451 -8.78 0.13 15.61
N ASP A 452 -9.95 0.62 15.22
CA ASP A 452 -11.09 -0.22 14.84
C ASP A 452 -10.95 -0.60 13.36
N GLN A 453 -9.99 -1.49 13.12
CA GLN A 453 -9.60 -1.89 11.78
C GLN A 453 -9.08 -3.32 11.86
N ILE A 454 -9.55 -4.19 10.99
CA ILE A 454 -9.18 -5.60 11.02
C ILE A 454 -8.02 -5.82 10.06
N ASN A 455 -7.00 -6.53 10.51
CA ASN A 455 -5.82 -6.85 9.70
C ASN A 455 -5.97 -8.31 9.25
N ARG A 456 -6.53 -8.50 8.06
CA ARG A 456 -6.81 -9.83 7.54
C ARG A 456 -5.70 -10.19 6.57
N GLY A 457 -4.67 -10.84 7.08
CA GLY A 457 -3.54 -11.24 6.26
C GLY A 457 -2.80 -10.11 5.60
N GLY A 458 -2.70 -8.95 6.26
CA GLY A 458 -2.10 -7.78 5.68
C GLY A 458 -3.08 -6.82 5.03
N ASP A 459 -4.28 -7.29 4.70
CA ASP A 459 -5.32 -6.42 4.16
C ASP A 459 -6.07 -5.74 5.28
N LYS A 460 -6.13 -4.41 5.22
CA LYS A 460 -6.70 -3.61 6.29
C LYS A 460 -8.17 -3.31 6.00
N ILE A 461 -9.01 -3.56 6.99
CA ILE A 461 -10.46 -3.45 6.84
C ILE A 461 -10.97 -2.46 7.88
N SER A 462 -11.33 -1.27 7.43
CA SER A 462 -12.00 -0.31 8.28
C SER A 462 -13.34 -0.86 8.71
N ALA A 463 -13.52 -1.09 10.02
CA ALA A 463 -14.77 -1.66 10.49
C ALA A 463 -15.96 -0.76 10.18
N GLU A 464 -15.79 0.55 10.38
CA GLU A 464 -16.89 1.48 10.19
C GLU A 464 -17.34 1.53 8.72
N GLU A 465 -16.39 1.50 7.79
CA GLU A 465 -16.75 1.46 6.37
C GLU A 465 -17.54 0.20 6.05
N LEU A 466 -17.09 -0.95 6.55
CA LEU A 466 -17.79 -2.19 6.27
C LEU A 466 -19.14 -2.22 6.96
N GLU A 467 -19.22 -1.69 8.18
CA GLU A 467 -20.48 -1.70 8.91
C GLU A 467 -21.54 -0.89 8.19
N ASN A 468 -21.16 0.24 7.59
CA ASN A 468 -22.13 1.06 6.88
C ASN A 468 -22.62 0.35 5.62
N HIS A 469 -21.72 -0.34 4.92
CA HIS A 469 -22.15 -1.16 3.78
C HIS A 469 -23.18 -2.20 4.22
N ILE A 470 -22.88 -2.91 5.30
CA ILE A 470 -23.74 -3.99 5.74
C ILE A 470 -25.09 -3.47 6.19
N MET A 471 -25.11 -2.29 6.82
CA MET A 471 -26.36 -1.72 7.32
C MET A 471 -27.26 -1.24 6.21
N ALA A 472 -26.73 -1.08 5.00
CA ALA A 472 -27.55 -0.79 3.83
C ALA A 472 -28.36 -1.99 3.38
N HIS A 473 -28.02 -3.20 3.83
CA HIS A 473 -28.84 -4.36 3.49
C HIS A 473 -30.21 -4.25 4.15
N PRO A 474 -31.29 -4.56 3.42
CA PRO A 474 -32.64 -4.35 3.97
C PRO A 474 -32.98 -5.21 5.18
N GLY A 475 -32.33 -6.35 5.37
CA GLY A 475 -32.57 -7.14 6.55
C GLY A 475 -31.71 -6.80 7.74
N VAL A 476 -30.93 -5.73 7.68
CA VAL A 476 -29.95 -5.37 8.71
C VAL A 476 -30.32 -4.01 9.27
N HIS A 477 -30.43 -3.93 10.59
CA HIS A 477 -30.61 -2.67 11.29
C HIS A 477 -29.31 -2.11 11.86
N ASP A 478 -28.46 -2.96 12.44
CA ASP A 478 -27.19 -2.53 12.98
C ASP A 478 -26.15 -3.62 12.71
N ALA A 479 -24.88 -3.21 12.63
CA ALA A 479 -23.79 -4.10 12.32
C ALA A 479 -22.55 -3.68 13.09
N ALA A 480 -21.84 -4.65 13.65
CA ALA A 480 -20.56 -4.43 14.31
C ALA A 480 -19.56 -5.47 13.81
N VAL A 481 -18.52 -5.02 13.14
CA VAL A 481 -17.53 -5.91 12.54
C VAL A 481 -16.40 -6.13 13.53
N VAL A 482 -16.11 -7.38 13.84
CA VAL A 482 -15.20 -7.76 14.92
C VAL A 482 -14.15 -8.71 14.35
N GLY A 483 -12.88 -8.48 14.67
CA GLY A 483 -11.83 -9.38 14.25
C GLY A 483 -11.77 -10.63 15.12
N MET A 484 -11.47 -11.76 14.49
CA MET A 484 -11.27 -13.04 15.13
C MET A 484 -9.85 -13.51 14.88
N PRO A 485 -9.10 -13.93 15.89
CA PRO A 485 -7.75 -14.43 15.66
C PRO A 485 -7.74 -15.62 14.70
N ASP A 486 -6.72 -15.66 13.84
CA ASP A 486 -6.52 -16.76 12.92
C ASP A 486 -5.03 -17.06 12.84
N ALA A 487 -4.67 -18.34 12.90
CA ALA A 487 -3.27 -18.72 13.01
C ALA A 487 -2.47 -18.38 11.76
N THR A 488 -3.06 -18.44 10.58
CA THR A 488 -2.32 -18.18 9.36
C THR A 488 -2.70 -16.87 8.69
N MET A 489 -3.90 -16.37 8.93
CA MET A 489 -4.35 -15.11 8.36
C MET A 489 -4.23 -13.94 9.34
N GLY A 490 -3.91 -14.21 10.59
CA GLY A 490 -3.85 -13.17 11.60
C GLY A 490 -5.20 -12.81 12.18
N GLU A 491 -6.09 -12.29 11.33
CA GLU A 491 -7.44 -11.97 11.74
C GLU A 491 -8.40 -12.35 10.62
N ARG A 492 -9.58 -12.82 11.00
CA ARG A 492 -10.71 -12.92 10.11
C ARG A 492 -11.80 -11.98 10.59
N THR A 493 -12.80 -11.79 9.73
CA THR A 493 -13.82 -10.77 9.91
C THR A 493 -15.12 -11.45 10.33
N CYS A 494 -15.68 -11.04 11.45
CA CYS A 494 -17.01 -11.48 11.85
C CYS A 494 -17.96 -10.29 11.83
N ALA A 495 -19.07 -10.46 11.13
CA ALA A 495 -20.10 -9.42 11.05
C ALA A 495 -21.21 -9.78 12.05
N CYS A 496 -21.28 -9.00 13.13
CA CYS A 496 -22.34 -9.12 14.12
C CYS A 496 -23.51 -8.25 13.69
N LEU A 497 -24.69 -8.85 13.58
CA LEU A 497 -25.84 -8.22 12.96
C LEU A 497 -27.02 -8.16 13.91
N VAL A 498 -27.64 -6.99 14.01
CA VAL A 498 -28.96 -6.85 14.59
C VAL A 498 -29.96 -6.79 13.45
N PRO A 499 -30.94 -7.68 13.39
CA PRO A 499 -31.82 -7.75 12.22
C PRO A 499 -32.74 -6.54 12.15
N ARG A 500 -33.09 -6.19 10.91
CA ARG A 500 -34.12 -5.17 10.71
C ARG A 500 -35.41 -5.59 11.38
N ALA A 501 -36.13 -4.61 11.95
CA ALA A 501 -37.36 -4.88 12.69
C ALA A 501 -38.33 -5.74 11.88
N GLY A 502 -38.59 -6.95 12.36
CA GLY A 502 -39.53 -7.82 11.68
C GLY A 502 -39.01 -8.48 10.43
N ARG A 503 -37.70 -8.48 10.22
CA ARG A 503 -37.08 -9.08 9.05
C ARG A 503 -35.98 -10.03 9.49
N SER A 504 -35.56 -10.88 8.57
CA SER A 504 -34.44 -11.78 8.81
C SER A 504 -33.18 -11.16 8.26
N ALA A 505 -32.13 -11.15 9.07
CA ALA A 505 -30.83 -10.75 8.57
C ALA A 505 -30.29 -11.83 7.62
N PRO A 506 -29.42 -11.44 6.68
CA PRO A 506 -28.87 -12.44 5.75
C PRO A 506 -27.85 -13.34 6.40
N ALA A 507 -27.61 -14.48 5.76
CA ALA A 507 -26.52 -15.37 6.10
C ALA A 507 -25.27 -14.95 5.33
N GLN A 508 -24.14 -15.61 5.62
CA GLN A 508 -22.85 -15.21 5.06
C GLN A 508 -22.92 -15.05 3.54
N ARG A 509 -23.48 -16.03 2.84
CA ARG A 509 -23.36 -16.05 1.39
C ARG A 509 -24.24 -14.97 0.75
N GLU A 510 -25.44 -14.74 1.26
CA GLU A 510 -26.25 -13.63 0.74
C GLU A 510 -25.58 -12.28 1.01
N LEU A 511 -25.05 -12.09 2.22
CA LEU A 511 -24.39 -10.84 2.56
C LEU A 511 -23.22 -10.58 1.63
N ALA A 512 -22.43 -11.61 1.34
CA ALA A 512 -21.28 -11.45 0.47
C ALA A 512 -21.71 -11.04 -0.94
N ALA A 513 -22.79 -11.63 -1.44
CA ALA A 513 -23.26 -11.27 -2.77
C ALA A 513 -23.77 -9.84 -2.81
N PHE A 514 -24.47 -9.43 -1.75
CA PHE A 514 -24.95 -8.06 -1.64
C PHE A 514 -23.79 -7.07 -1.67
N LEU A 515 -22.74 -7.35 -0.90
CA LEU A 515 -21.61 -6.45 -0.82
C LEU A 515 -20.81 -6.41 -2.13
N THR A 516 -20.67 -7.55 -2.79
CA THR A 516 -19.97 -7.56 -4.07
C THR A 516 -20.72 -6.75 -5.11
N ASP A 517 -22.04 -6.88 -5.16
CA ASP A 517 -22.84 -6.07 -6.08
C ASP A 517 -22.76 -4.60 -5.73
N ARG A 518 -22.65 -4.28 -4.44
CA ARG A 518 -22.49 -2.92 -4.00
C ARG A 518 -21.13 -2.34 -4.35
N GLY A 519 -20.17 -3.18 -4.72
CA GLY A 519 -18.84 -2.72 -5.09
C GLY A 519 -17.86 -2.67 -3.93
N VAL A 520 -17.92 -3.64 -3.03
CA VAL A 520 -17.00 -3.75 -1.90
C VAL A 520 -15.92 -4.75 -2.28
N ALA A 521 -14.64 -4.36 -2.09
CA ALA A 521 -13.53 -5.26 -2.40
C ALA A 521 -13.67 -6.56 -1.64
N ALA A 522 -13.28 -7.66 -2.29
CA ALA A 522 -13.61 -8.98 -1.77
C ALA A 522 -12.88 -9.29 -0.47
N TYR A 523 -11.71 -8.69 -0.23
CA TYR A 523 -11.03 -9.01 1.01
C TYR A 523 -11.76 -8.44 2.22
N LYS A 524 -12.76 -7.60 2.02
CA LYS A 524 -13.57 -7.05 3.09
C LYS A 524 -14.85 -7.83 3.33
N LEU A 525 -15.08 -8.90 2.58
CA LEU A 525 -16.29 -9.70 2.76
C LEU A 525 -16.19 -10.49 4.07
N PRO A 526 -17.19 -10.44 4.94
CA PRO A 526 -17.08 -11.11 6.24
C PRO A 526 -16.91 -12.62 6.09
N ASP A 527 -16.00 -13.17 6.89
CA ASP A 527 -15.80 -14.60 6.94
C ASP A 527 -16.97 -15.29 7.62
N ARG A 528 -17.61 -14.60 8.55
CA ARG A 528 -18.60 -15.21 9.43
C ARG A 528 -19.65 -14.15 9.77
N VAL A 529 -20.88 -14.60 9.91
CA VAL A 529 -22.00 -13.75 10.33
C VAL A 529 -22.58 -14.31 11.62
N GLU A 530 -22.82 -13.44 12.59
CA GLU A 530 -23.48 -13.80 13.84
C GLU A 530 -24.62 -12.83 14.09
N VAL A 531 -25.82 -13.36 14.25
CA VAL A 531 -27.04 -12.55 14.42
C VAL A 531 -27.38 -12.47 15.90
N MET A 532 -27.77 -11.28 16.35
CA MET A 532 -28.08 -11.07 17.76
C MET A 532 -29.14 -9.99 17.90
N ASP A 533 -29.67 -9.87 19.11
CA ASP A 533 -30.74 -8.90 19.38
C ASP A 533 -30.20 -7.52 19.66
N ALA A 534 -29.01 -7.43 20.23
CA ALA A 534 -28.41 -6.16 20.58
C ALA A 534 -26.93 -6.37 20.76
N PHE A 535 -26.18 -5.31 20.62
CA PHE A 535 -24.76 -5.34 20.91
C PHE A 535 -24.50 -4.90 22.34
N PRO A 536 -23.46 -5.42 22.98
CA PRO A 536 -23.07 -4.87 24.28
C PRO A 536 -22.56 -3.44 24.12
N ARG A 537 -22.94 -2.60 25.08
CA ARG A 537 -22.59 -1.19 25.10
C ARG A 537 -21.70 -0.89 26.28
N THR A 538 -20.73 0.00 26.09
CA THR A 538 -19.88 0.45 27.17
C THR A 538 -20.61 1.46 28.04
N LYS A 542 -21.31 3.14 23.57
CA LYS A 542 -20.89 2.64 22.28
C LYS A 542 -20.63 1.13 22.29
N THR A 543 -20.61 0.53 21.10
CA THR A 543 -20.53 -0.92 20.98
C THR A 543 -19.24 -1.44 21.58
N ASP A 544 -19.36 -2.44 22.44
CA ASP A 544 -18.21 -3.03 23.13
C ASP A 544 -17.73 -4.23 22.32
N LYS A 545 -16.73 -4.02 21.48
CA LYS A 545 -16.24 -5.07 20.61
C LYS A 545 -15.39 -6.10 21.34
N LYS A 546 -14.82 -5.76 22.50
CA LYS A 546 -14.16 -6.76 23.31
C LYS A 546 -15.18 -7.75 23.87
N GLU A 547 -16.33 -7.26 24.32
CA GLU A 547 -17.38 -8.17 24.77
C GLU A 547 -18.01 -8.92 23.59
N LEU A 548 -18.14 -8.28 22.43
CA LEU A 548 -18.62 -8.99 21.25
C LEU A 548 -17.72 -10.17 20.94
N GLY A 549 -16.40 -9.98 21.02
CA GLY A 549 -15.49 -11.10 20.84
C GLY A 549 -15.82 -12.27 21.73
N ARG A 550 -16.13 -12.01 23.00
CA ARG A 550 -16.43 -13.09 23.92
C ARG A 550 -17.72 -13.81 23.55
N ARG A 551 -18.77 -13.04 23.23
CA ARG A 551 -20.02 -13.65 22.83
C ARG A 551 -19.85 -14.44 21.54
N ILE A 552 -19.00 -13.97 20.64
CA ILE A 552 -18.67 -14.71 19.42
C ILE A 552 -17.97 -16.02 19.75
N ALA A 553 -17.07 -16.00 20.73
CA ALA A 553 -16.35 -17.20 21.14
C ALA A 553 -17.18 -18.11 22.02
N GLY A 554 -18.41 -17.73 22.35
CA GLY A 554 -19.27 -18.55 23.16
C GLY A 554 -18.94 -18.53 24.64
N GLN A 555 -18.19 -17.53 25.08
CA GLN A 555 -17.87 -17.42 26.50
C GLN A 555 -18.62 -16.24 27.12
C13 B5M B . 0.26 -0.95 8.93
C20 B5M B . 4.41 -2.42 5.04
C21 B5M B . 5.78 -2.24 4.76
C22 B5M B . 6.21 -1.09 4.12
C24 B5M B . 3.91 -0.29 4.05
C26 B5M B . 4.05 -3.75 5.77
C02 B5M B . 4.25 -5.73 10.83
C03 B5M B . 3.41 -4.75 10.21
C05 B5M B . 2.44 -3.27 8.94
C07 B5M B . 2.25 -4.47 10.76
C09 B5M B . 2.70 -5.97 12.45
C11 B5M B . 0.32 -2.89 10.21
C14 B5M B . -0.88 -0.39 8.06
C18 B5M B . 1.93 -1.55 4.98
C19 B5M B . 3.44 -1.44 4.70
C23 B5M B . 5.27 -0.11 3.77
C30 B5M B . 0.30 -0.51 10.43
C32 B5M B . -0.07 -1.59 11.13
N01 B5M B . 5.53 -6.05 10.22
N04 B5M B . 3.54 -4.02 9.07
N06 B5M B . 1.64 -3.51 9.95
N08 B5M B . 1.92 -5.09 11.90
N10 B5M B . 3.87 -6.28 11.92
O12 B5M B . 0.15 -2.52 8.96
O15 B5M B . -0.20 0.21 7.03
O17 B5M B . 1.12 -0.43 4.69
O25 B5M B . 3.00 0.72 3.66
O27 B5M B . 1.38 -2.54 5.44
O28 B5M B . -0.99 1.05 4.89
O29 B5M B . -1.33 -1.37 5.29
O31 B5M B . -0.43 0.67 10.71
O33 B5M B . -1.39 -1.61 11.51
P16 B5M B . -0.40 -0.16 5.48
MG MG C . -30.79 -1.97 6.67
C ACT D . -13.12 14.49 6.97
O ACT D . -13.13 15.71 7.23
OXT ACT D . -12.45 13.78 7.73
CH3 ACT D . -13.87 13.92 5.82
C ACT E . 19.90 -7.78 -2.45
O ACT E . 20.44 -8.76 -1.92
OXT ACT E . 20.10 -7.62 -3.67
CH3 ACT E . 19.03 -6.84 -1.67
C ACT F . -12.42 11.31 3.06
O ACT F . -13.45 11.22 3.76
OXT ACT F . -11.66 10.33 3.04
CH3 ACT F . -12.14 12.56 2.26
C ACT G . -35.57 -0.81 13.39
O ACT G . -36.00 0.21 12.77
OXT ACT G . -35.18 -1.75 12.66
CH3 ACT G . -35.54 -0.87 14.88
C ACT H . -22.69 1.85 -3.60
O ACT H . -21.45 1.75 -3.40
OXT ACT H . -23.17 1.13 -4.51
CH3 ACT H . -23.54 2.79 -2.79
C ACT I . 24.06 -2.01 5.10
O ACT I . 24.06 -0.95 5.76
OXT ACT I . 25.09 -2.71 5.18
CH3 ACT I . 22.90 -2.42 4.23
C1 GOL J . 16.65 -15.62 11.21
O1 GOL J . 17.60 -16.61 11.53
C2 GOL J . 16.01 -15.90 9.86
O2 GOL J . 15.58 -17.22 9.76
C3 GOL J . 16.95 -15.55 8.71
O3 GOL J . 17.39 -14.23 8.87
C1 GOL K . -14.27 8.28 -22.89
O1 GOL K . -14.18 8.66 -21.54
C2 GOL K . -12.91 8.39 -23.56
O2 GOL K . -11.91 7.75 -22.81
C3 GOL K . -13.04 7.75 -24.94
O3 GOL K . -11.82 7.81 -25.63
#